data_3TQ8
#
_entry.id   3TQ8
#
_cell.length_a   51.340
_cell.length_b   36.200
_cell.length_c   53.810
_cell.angle_alpha   90.00
_cell.angle_beta   110.27
_cell.angle_gamma   90.00
#
_symmetry.space_group_name_H-M   'P 1 21 1'
#
loop_
_entity.id
_entity.type
_entity.pdbx_description
1 polymer 'Dihydrofolate reductase'
2 non-polymer 'NADPH DIHYDRO-NICOTINAMIDE-ADENINE-DINUCLEOTIDE PHOSPHATE'
3 non-polymer TRIMETHOPRIM
4 water water
#
_entity_poly.entity_id   1
_entity_poly.type   'polypeptide(L)'
_entity_poly.pdbx_seq_one_letter_code
;MIITLIAAMDKNRLIGRNNELPWHLPADLAHFKSITLGKPIVMGRRTFDSIGKPLPHRRNIVITQQKNLIIEGCDIFYSL
DDALSALTKEPEVIIIGGARIFKEALPKADKMILTIINHSFEGDVYFPEWNDKEWKITSQIKHERDEKNPYPFQFLELRR
LENLYFQGHHHHHHHHHH
;
_entity_poly.pdbx_strand_id   A
#
loop_
_chem_comp.id
_chem_comp.type
_chem_comp.name
_chem_comp.formula
NDP non-polymer 'NADPH DIHYDRO-NICOTINAMIDE-ADENINE-DINUCLEOTIDE PHOSPHATE' 'C21 H30 N7 O17 P3'
TOP non-polymer TRIMETHOPRIM 'C14 H18 N4 O3'
#
# COMPACT_ATOMS: atom_id res chain seq x y z
N MET A 1 -15.28 -2.75 6.34
CA MET A 1 -13.86 -3.04 5.99
C MET A 1 -13.19 -1.73 5.59
N ILE A 2 -12.03 -1.47 6.18
CA ILE A 2 -11.20 -0.36 5.74
C ILE A 2 -10.15 -0.90 4.77
N ILE A 3 -10.10 -0.32 3.57
CA ILE A 3 -9.07 -0.67 2.60
C ILE A 3 -7.92 0.31 2.66
N THR A 4 -6.74 -0.20 3.01
CA THR A 4 -5.58 0.63 3.22
C THR A 4 -4.48 0.26 2.24
N LEU A 5 -3.98 1.26 1.53
CA LEU A 5 -2.80 1.11 0.66
C LEU A 5 -1.55 1.51 1.44
N ILE A 6 -0.53 0.67 1.48
CA ILE A 6 0.74 1.04 2.08
C ILE A 6 1.76 0.91 0.96
N ALA A 7 2.60 1.94 0.80
CA ALA A 7 3.59 1.93 -0.26
C ALA A 7 4.74 2.83 0.13
N ALA A 8 5.92 2.51 -0.43
CA ALA A 8 7.09 3.36 -0.34
C ALA A 8 7.41 3.85 -1.73
N MET A 9 7.60 5.15 -1.86
CA MET A 9 7.88 5.74 -3.18
C MET A 9 8.88 6.87 -3.09
N ASP A 10 9.52 7.19 -4.21
CA ASP A 10 10.40 8.35 -4.24
C ASP A 10 9.56 9.61 -4.57
N LYS A 11 10.24 10.73 -4.74
CA LYS A 11 9.58 12.02 -4.91
C LYS A 11 8.73 12.07 -6.20
N ASN A 12 9.02 11.17 -7.14
CA ASN A 12 8.28 11.07 -8.40
C ASN A 12 7.25 9.93 -8.40
N ARG A 13 6.95 9.38 -7.22
CA ARG A 13 6.05 8.21 -7.08
C ARG A 13 6.63 6.88 -7.61
N LEU A 14 7.92 6.84 -7.93
CA LEU A 14 8.57 5.59 -8.33
C LEU A 14 8.55 4.59 -7.16
N ILE A 15 8.15 3.37 -7.45
CA ILE A 15 8.11 2.30 -6.46
C ILE A 15 8.95 1.05 -6.79
N GLY A 16 9.48 0.95 -8.00
CA GLY A 16 10.09 -0.29 -8.44
C GLY A 16 10.97 -0.21 -9.67
N ARG A 17 11.87 -1.19 -9.77
CA ARG A 17 12.77 -1.34 -10.90
C ARG A 17 13.08 -2.82 -11.09
N ASN A 18 12.70 -3.35 -12.25
CA ASN A 18 12.98 -4.75 -12.62
C ASN A 18 12.47 -5.74 -11.58
N ASN A 19 11.25 -5.49 -11.09
CA ASN A 19 10.61 -6.31 -10.07
C ASN A 19 11.32 -6.35 -8.71
N GLU A 20 12.07 -5.28 -8.42
CA GLU A 20 12.72 -5.10 -7.13
C GLU A 20 12.47 -3.67 -6.65
N LEU A 21 12.69 -3.43 -5.37
CA LEU A 21 12.71 -2.09 -4.81
C LEU A 21 13.93 -1.34 -5.36
N PRO A 22 13.79 -0.02 -5.60
CA PRO A 22 14.97 0.72 -6.09
C PRO A 22 15.97 1.15 -5.00
N TRP A 23 15.69 0.83 -3.74
CA TRP A 23 16.50 1.31 -2.62
C TRP A 23 16.46 0.26 -1.53
N HIS A 24 17.35 0.40 -0.56
CA HIS A 24 17.24 -0.28 0.72
C HIS A 24 17.03 0.79 1.76
N LEU A 25 15.88 0.76 2.42
CA LEU A 25 15.54 1.73 3.44
C LEU A 25 15.02 1.00 4.69
N PRO A 26 15.94 0.69 5.61
CA PRO A 26 15.63 -0.05 6.84
C PRO A 26 14.46 0.55 7.64
N ALA A 27 14.43 1.88 7.76
CA ALA A 27 13.34 2.56 8.47
C ALA A 27 11.97 2.24 7.84
N ASP A 28 11.91 2.22 6.52
CA ASP A 28 10.68 1.83 5.86
C ASP A 28 10.31 0.37 6.12
N LEU A 29 11.29 -0.54 6.08
CA LEU A 29 11.00 -1.95 6.31
C LEU A 29 10.48 -2.19 7.74
N ALA A 30 11.03 -1.47 8.72
CA ALA A 30 10.56 -1.57 10.12
C ALA A 30 9.13 -1.08 10.26
N HIS A 31 8.87 0.09 9.66
CA HIS A 31 7.55 0.74 9.58
C HIS A 31 6.51 -0.19 8.95
N PHE A 32 6.83 -0.76 7.79
CA PHE A 32 5.93 -1.66 7.08
C PHE A 32 5.55 -2.88 7.90
N LYS A 33 6.55 -3.50 8.50
CA LYS A 33 6.34 -4.70 9.33
C LYS A 33 5.45 -4.37 10.55
N SER A 34 5.82 -3.35 11.30
CA SER A 34 5.06 -2.99 12.51
C SER A 34 3.59 -2.68 12.17
N ILE A 35 3.37 -1.99 11.05
CA ILE A 35 2.02 -1.66 10.57
C ILE A 35 1.22 -2.91 10.13
N THR A 36 1.86 -3.85 9.44
CA THR A 36 1.13 -4.94 8.79
C THR A 36 0.92 -6.20 9.65
N LEU A 37 1.74 -6.41 10.68
CA LEU A 37 1.59 -7.62 11.52
C LEU A 37 0.14 -7.83 12.00
N GLY A 38 -0.36 -9.06 11.90
CA GLY A 38 -1.72 -9.38 12.34
C GLY A 38 -2.85 -8.71 11.55
N LYS A 39 -2.55 -8.26 10.34
CA LYS A 39 -3.57 -7.85 9.36
C LYS A 39 -3.45 -8.72 8.09
N PRO A 40 -4.58 -8.93 7.37
CA PRO A 40 -4.50 -9.57 6.06
C PRO A 40 -3.81 -8.66 5.06
N ILE A 41 -2.81 -9.18 4.33
CA ILE A 41 -2.11 -8.36 3.33
C ILE A 41 -2.37 -8.93 1.93
N VAL A 42 -2.67 -8.04 0.99
CA VAL A 42 -3.01 -8.43 -0.37
C VAL A 42 -1.95 -7.91 -1.34
N MET A 43 -1.42 -8.78 -2.18
CA MET A 43 -0.40 -8.41 -3.14
C MET A 43 -0.64 -9.09 -4.48
N GLY A 44 -0.18 -8.45 -5.54
CA GLY A 44 -0.18 -9.08 -6.84
C GLY A 44 0.90 -10.14 -6.95
N ARG A 45 0.76 -10.99 -7.95
CA ARG A 45 1.63 -12.15 -8.09
C ARG A 45 3.11 -11.78 -8.28
N ARG A 46 3.39 -10.72 -9.03
CA ARG A 46 4.79 -10.30 -9.24
C ARG A 46 5.44 -9.81 -7.96
N THR A 47 4.68 -9.09 -7.13
CA THR A 47 5.19 -8.68 -5.83
C THR A 47 5.50 -9.89 -4.94
N PHE A 48 4.64 -10.91 -4.93
CA PHE A 48 4.98 -12.13 -4.19
C PHE A 48 6.29 -12.76 -4.72
N ASP A 49 6.42 -12.84 -6.04
CA ASP A 49 7.64 -13.34 -6.65
C ASP A 49 8.85 -12.51 -6.23
N SER A 50 8.72 -11.19 -6.25
CA SER A 50 9.79 -10.31 -5.77
C SER A 50 10.18 -10.62 -4.33
N ILE A 51 9.20 -10.76 -3.45
CA ILE A 51 9.45 -11.08 -2.04
C ILE A 51 9.96 -12.53 -1.88
N GLY A 52 9.39 -13.44 -2.68
CA GLY A 52 9.92 -14.78 -2.81
C GLY A 52 9.44 -15.80 -1.78
N LYS A 53 8.88 -15.33 -0.68
CA LYS A 53 8.25 -16.19 0.32
C LYS A 53 7.15 -15.40 1.06
N PRO A 54 6.23 -16.11 1.73
CA PRO A 54 5.23 -15.39 2.52
C PRO A 54 5.89 -14.53 3.62
N LEU A 55 5.31 -13.37 3.87
CA LEU A 55 5.76 -12.54 5.00
C LEU A 55 5.27 -13.18 6.28
N PRO A 56 6.17 -13.45 7.24
CA PRO A 56 5.73 -14.15 8.45
C PRO A 56 4.72 -13.36 9.29
N HIS A 57 3.89 -14.10 10.02
CA HIS A 57 2.97 -13.57 11.06
C HIS A 57 1.80 -12.79 10.49
N ARG A 58 1.57 -12.94 9.19
CA ARG A 58 0.48 -12.27 8.49
C ARG A 58 -0.20 -13.23 7.52
N ARG A 59 -1.48 -12.99 7.28
CA ARG A 59 -2.21 -13.72 6.25
C ARG A 59 -1.81 -13.15 4.90
N ASN A 60 -1.04 -13.91 4.13
CA ASN A 60 -0.62 -13.49 2.79
C ASN A 60 -1.67 -13.89 1.75
N ILE A 61 -2.19 -12.89 1.05
CA ILE A 61 -3.13 -13.11 -0.04
C ILE A 61 -2.50 -12.65 -1.36
N VAL A 62 -2.51 -13.54 -2.36
CA VAL A 62 -1.89 -13.24 -3.64
C VAL A 62 -2.96 -13.31 -4.74
N ILE A 63 -2.98 -12.28 -5.58
CA ILE A 63 -3.92 -12.20 -6.69
C ILE A 63 -3.21 -12.64 -7.97
N THR A 64 -3.82 -13.57 -8.71
CA THR A 64 -3.30 -14.06 -9.99
C THR A 64 -4.47 -14.45 -10.86
N GLN A 65 -4.29 -14.43 -12.18
CA GLN A 65 -5.30 -14.99 -13.11
C GLN A 65 -5.03 -16.46 -13.41
N GLN A 66 -3.87 -16.96 -12.97
CA GLN A 66 -3.45 -18.33 -13.24
C GLN A 66 -4.23 -19.30 -12.35
N LYS A 67 -5.20 -19.97 -12.96
CA LYS A 67 -6.13 -20.85 -12.24
C LYS A 67 -5.48 -22.03 -11.49
N ASN A 68 -4.38 -22.58 -12.01
CA ASN A 68 -3.74 -23.73 -11.36
C ASN A 68 -2.43 -23.35 -10.62
N LEU A 69 -2.27 -22.07 -10.31
CA LEU A 69 -1.09 -21.61 -9.58
C LEU A 69 -1.20 -21.95 -8.10
N ILE A 70 -0.14 -22.58 -7.59
CA ILE A 70 -0.05 -23.03 -6.20
C ILE A 70 1.05 -22.23 -5.54
N ILE A 71 0.75 -21.65 -4.38
CA ILE A 71 1.77 -20.95 -3.60
C ILE A 71 1.67 -21.38 -2.14
N GLU A 72 2.64 -22.16 -1.68
CA GLU A 72 2.62 -22.65 -0.30
C GLU A 72 2.60 -21.46 0.67
N GLY A 73 1.68 -21.50 1.63
CA GLY A 73 1.61 -20.51 2.70
C GLY A 73 0.96 -19.20 2.33
N CYS A 74 0.23 -19.17 1.20
CA CYS A 74 -0.58 -18.01 0.80
C CYS A 74 -1.96 -18.45 0.36
N ASP A 75 -2.93 -17.57 0.54
CA ASP A 75 -4.25 -17.76 -0.05
C ASP A 75 -4.32 -17.06 -1.40
N ILE A 76 -4.78 -17.80 -2.40
CA ILE A 76 -4.86 -17.28 -3.77
C ILE A 76 -6.30 -16.89 -4.12
N PHE A 77 -6.44 -15.72 -4.74
CA PHE A 77 -7.73 -15.27 -5.28
C PHE A 77 -7.49 -14.83 -6.72
N TYR A 78 -8.52 -14.91 -7.54
CA TYR A 78 -8.39 -14.66 -8.97
C TYR A 78 -8.76 -13.24 -9.39
N SER A 79 -9.07 -12.40 -8.41
CA SER A 79 -9.28 -10.98 -8.66
C SER A 79 -9.15 -10.26 -7.34
N LEU A 80 -8.83 -8.96 -7.37
CA LEU A 80 -8.85 -8.15 -6.16
C LEU A 80 -10.24 -8.17 -5.52
N ASP A 81 -11.28 -8.05 -6.34
CA ASP A 81 -12.66 -8.04 -5.86
C ASP A 81 -13.04 -9.34 -5.11
N ASP A 82 -12.66 -10.49 -5.66
CA ASP A 82 -12.84 -11.78 -4.99
C ASP A 82 -12.17 -11.81 -3.59
N ALA A 83 -10.95 -11.28 -3.52
CA ALA A 83 -10.22 -11.23 -2.25
C ALA A 83 -10.96 -10.35 -1.26
N LEU A 84 -11.33 -9.15 -1.71
CA LEU A 84 -12.04 -8.19 -0.87
C LEU A 84 -13.36 -8.77 -0.38
N SER A 85 -14.05 -9.47 -1.29
CA SER A 85 -15.29 -10.16 -0.95
C SER A 85 -15.08 -11.22 0.14
N ALA A 86 -13.99 -11.98 0.05
CA ALA A 86 -13.68 -13.01 1.06
C ALA A 86 -13.31 -12.41 2.42
N LEU A 87 -12.79 -11.20 2.41
CA LEU A 87 -12.31 -10.54 3.62
C LEU A 87 -13.34 -9.58 4.24
N THR A 88 -14.60 -9.70 3.82
CA THR A 88 -15.70 -8.82 4.26
C THR A 88 -15.76 -8.56 5.77
N LYS A 89 -15.41 -9.56 6.58
CA LYS A 89 -15.47 -9.44 8.05
C LYS A 89 -14.27 -8.77 8.69
N GLU A 90 -13.19 -8.60 7.94
CA GLU A 90 -11.98 -7.98 8.49
C GLU A 90 -12.19 -6.49 8.69
N PRO A 91 -11.72 -5.95 9.82
CA PRO A 91 -11.84 -4.51 10.03
C PRO A 91 -10.96 -3.69 9.11
N GLU A 92 -9.84 -4.27 8.69
CA GLU A 92 -8.92 -3.58 7.79
C GLU A 92 -8.18 -4.59 6.91
N VAL A 93 -8.14 -4.30 5.61
CA VAL A 93 -7.36 -5.08 4.64
C VAL A 93 -6.30 -4.14 4.08
N ILE A 94 -5.04 -4.59 4.13
CA ILE A 94 -3.92 -3.79 3.68
C ILE A 94 -3.40 -4.30 2.31
N ILE A 95 -3.46 -3.41 1.32
CA ILE A 95 -2.99 -3.68 -0.02
C ILE A 95 -1.50 -3.25 -0.07
N ILE A 96 -0.62 -4.19 -0.40
CA ILE A 96 0.82 -3.93 -0.31
C ILE A 96 1.54 -3.82 -1.66
N GLY A 97 0.80 -3.86 -2.76
CA GLY A 97 1.35 -3.65 -4.11
C GLY A 97 1.16 -4.84 -5.02
N GLY A 98 1.72 -4.80 -6.23
CA GLY A 98 2.57 -3.71 -6.73
C GLY A 98 1.82 -2.65 -7.54
N ALA A 99 2.43 -2.17 -8.62
CA ALA A 99 1.87 -1.05 -9.38
C ALA A 99 0.47 -1.32 -9.94
N ARG A 100 0.29 -2.49 -10.57
CA ARG A 100 -1.03 -2.87 -11.12
C ARG A 100 -2.11 -2.95 -10.04
N ILE A 101 -1.80 -3.68 -8.96
CA ILE A 101 -2.72 -3.77 -7.80
C ILE A 101 -3.05 -2.39 -7.18
N PHE A 102 -2.04 -1.57 -6.95
CA PHE A 102 -2.27 -0.23 -6.41
C PHE A 102 -3.22 0.58 -7.31
N LYS A 103 -2.99 0.56 -8.63
CA LYS A 103 -3.86 1.28 -9.55
C LYS A 103 -5.32 0.80 -9.46
N GLU A 104 -5.51 -0.51 -9.40
CA GLU A 104 -6.84 -1.08 -9.28
C GLU A 104 -7.46 -0.82 -7.91
N ALA A 105 -6.66 -0.87 -6.85
CA ALA A 105 -7.20 -0.70 -5.50
C ALA A 105 -7.55 0.75 -5.15
N LEU A 106 -6.84 1.74 -5.73
CA LEU A 106 -7.00 3.16 -5.35
C LEU A 106 -8.45 3.68 -5.39
N PRO A 107 -9.23 3.36 -6.44
CA PRO A 107 -10.62 3.83 -6.39
C PRO A 107 -11.50 3.24 -5.27
N LYS A 108 -11.03 2.19 -4.58
CA LYS A 108 -11.76 1.60 -3.45
C LYS A 108 -11.13 1.94 -2.10
N ALA A 109 -9.95 2.54 -2.11
CA ALA A 109 -9.17 2.73 -0.88
C ALA A 109 -9.75 3.82 0.04
N ASP A 110 -9.70 3.56 1.34
CA ASP A 110 -10.14 4.47 2.39
C ASP A 110 -8.96 5.22 2.99
N LYS A 111 -7.78 4.59 2.95
CA LYS A 111 -6.62 5.05 3.69
C LYS A 111 -5.39 4.78 2.86
N MET A 112 -4.40 5.64 3.00
CA MET A 112 -3.08 5.43 2.42
C MET A 112 -2.00 5.73 3.47
N ILE A 113 -1.03 4.83 3.57
CA ILE A 113 0.14 5.02 4.44
C ILE A 113 1.38 5.02 3.54
N LEU A 114 1.90 6.22 3.26
CA LEU A 114 2.93 6.38 2.25
C LEU A 114 4.28 6.77 2.84
N THR A 115 5.32 6.05 2.47
CA THR A 115 6.68 6.50 2.73
C THR A 115 7.13 7.24 1.48
N ILE A 116 7.50 8.51 1.64
CA ILE A 116 7.97 9.28 0.49
C ILE A 116 9.44 9.65 0.71
N ILE A 117 10.28 9.22 -0.21
CA ILE A 117 11.72 9.43 -0.11
C ILE A 117 12.10 10.68 -0.90
N ASN A 118 12.82 11.59 -0.24
CA ASN A 118 13.29 12.82 -0.89
C ASN A 118 14.57 12.56 -1.70
N HIS A 119 14.37 11.89 -2.85
CA HIS A 119 15.43 11.50 -3.76
C HIS A 119 14.77 11.01 -5.05
N SER A 120 15.49 11.10 -6.16
CA SER A 120 15.01 10.59 -7.43
C SER A 120 15.82 9.38 -7.83
N PHE A 121 15.18 8.21 -7.83
CA PHE A 121 15.82 6.96 -8.28
C PHE A 121 15.48 6.64 -9.74
N GLU A 122 16.13 5.62 -10.28
CA GLU A 122 15.86 5.10 -11.63
C GLU A 122 14.98 3.87 -11.49
N GLY A 123 13.95 3.78 -12.31
CA GLY A 123 13.02 2.67 -12.20
C GLY A 123 11.96 2.69 -13.27
N ASP A 124 11.02 1.75 -13.17
CA ASP A 124 10.10 1.48 -14.27
C ASP A 124 8.64 1.47 -13.86
N VAL A 125 8.33 1.44 -12.57
CA VAL A 125 6.93 1.41 -12.15
C VAL A 125 6.66 2.42 -11.06
N TYR A 126 5.43 2.92 -11.07
CA TYR A 126 4.99 4.04 -10.22
C TYR A 126 3.71 3.74 -9.45
N PHE A 127 3.56 4.44 -8.33
CA PHE A 127 2.34 4.46 -7.58
C PHE A 127 1.35 5.34 -8.33
N PRO A 128 0.05 5.00 -8.29
CA PRO A 128 -0.91 5.82 -9.07
C PRO A 128 -1.06 7.23 -8.52
N GLU A 129 -1.26 8.20 -9.41
CA GLU A 129 -1.55 9.57 -9.01
C GLU A 129 -2.93 9.58 -8.34
N TRP A 130 -3.02 10.17 -7.15
CA TRP A 130 -4.30 10.30 -6.46
C TRP A 130 -4.80 11.73 -6.56
N ASN A 131 -6.10 11.89 -6.40
CA ASN A 131 -6.72 13.19 -6.53
C ASN A 131 -6.63 13.91 -5.19
N ASP A 132 -5.85 15.00 -5.16
CA ASP A 132 -5.61 15.73 -3.90
C ASP A 132 -6.88 16.34 -3.31
N LYS A 133 -7.91 16.51 -4.13
CA LYS A 133 -9.20 16.99 -3.65
C LYS A 133 -9.99 15.91 -2.87
N GLU A 134 -9.58 14.64 -2.97
CA GLU A 134 -10.37 13.50 -2.42
C GLU A 134 -9.86 12.99 -1.08
N TRP A 135 -8.71 13.48 -0.66
CA TRP A 135 -7.97 12.90 0.47
C TRP A 135 -7.51 14.00 1.41
N LYS A 136 -7.51 13.71 2.71
CA LYS A 136 -6.95 14.62 3.71
C LYS A 136 -5.76 13.98 4.42
N ILE A 137 -4.77 14.79 4.75
CA ILE A 137 -3.59 14.38 5.49
C ILE A 137 -3.97 14.23 6.96
N THR A 138 -3.76 13.05 7.52
CA THR A 138 -4.06 12.77 8.92
C THR A 138 -2.79 12.67 9.78
N SER A 139 -1.64 12.49 9.11
CA SER A 139 -0.34 12.43 9.77
C SER A 139 0.78 12.68 8.77
N GLN A 140 1.76 13.50 9.16
CA GLN A 140 2.98 13.70 8.36
C GLN A 140 4.19 13.80 9.30
N ILE A 141 5.18 12.92 9.10
CA ILE A 141 6.38 12.87 9.93
C ILE A 141 7.62 12.83 9.04
N LYS A 142 8.45 13.87 9.08
CA LYS A 142 9.64 13.93 8.22
C LYS A 142 10.89 13.47 8.99
N HIS A 143 11.76 12.73 8.29
CA HIS A 143 12.98 12.18 8.87
C HIS A 143 14.19 12.59 8.06
N GLU A 144 15.21 13.08 8.75
CA GLU A 144 16.50 13.33 8.14
C GLU A 144 17.19 12.02 7.85
N ARG A 145 18.10 12.05 6.88
CA ARG A 145 18.93 10.90 6.60
C ARG A 145 19.83 10.55 7.78
N ASP A 146 20.30 9.30 7.80
CA ASP A 146 21.22 8.75 8.79
C ASP A 146 22.51 8.32 8.11
N ASN A 149 19.81 4.76 6.96
CA ASN A 149 18.87 5.39 6.04
C ASN A 149 19.54 6.60 5.37
N PRO A 150 20.12 6.39 4.17
CA PRO A 150 20.97 7.44 3.56
C PRO A 150 20.22 8.50 2.72
N TYR A 151 18.88 8.44 2.72
CA TYR A 151 18.06 9.46 2.07
C TYR A 151 17.04 9.99 3.07
N PRO A 152 16.74 11.31 3.01
CA PRO A 152 15.66 11.81 3.86
C PRO A 152 14.33 11.24 3.40
N PHE A 153 13.41 11.04 4.34
CA PHE A 153 12.10 10.45 4.04
C PHE A 153 11.02 10.94 5.01
N GLN A 154 9.77 10.79 4.61
CA GLN A 154 8.63 11.08 5.47
C GLN A 154 7.60 9.95 5.42
N PHE A 155 6.87 9.79 6.52
CA PHE A 155 5.66 8.95 6.54
C PHE A 155 4.44 9.88 6.45
N LEU A 156 3.63 9.68 5.41
CA LEU A 156 2.43 10.51 5.18
C LEU A 156 1.23 9.57 5.21
N GLU A 157 0.28 9.85 6.09
CA GLU A 157 -0.97 9.09 6.15
C GLU A 157 -2.10 9.97 5.63
N LEU A 158 -2.95 9.40 4.77
CA LEU A 158 -4.07 10.09 4.19
C LEU A 158 -5.33 9.27 4.40
N ARG A 159 -6.45 9.97 4.55
CA ARG A 159 -7.73 9.34 4.69
C ARG A 159 -8.65 9.97 3.66
N ARG A 160 -9.45 9.13 3.00
CA ARG A 160 -10.38 9.63 2.01
C ARG A 160 -11.47 10.47 2.65
N LEU A 161 -11.87 11.52 1.95
CA LEU A 161 -12.74 12.58 2.48
C LEU A 161 -14.22 12.27 2.27
N GLU A 162 -15.06 13.26 2.60
CA GLU A 162 -16.43 13.40 2.06
C GLU A 162 -16.86 14.89 1.85
N ASN A 163 -16.62 15.39 0.64
CA ASN A 163 -17.25 16.60 0.03
C ASN A 163 -17.69 17.84 0.87
N LEU A 164 -17.09 19.00 0.59
CA LEU A 164 -17.46 20.27 1.29
C LEU A 164 -18.95 20.64 1.22
N TYR A 165 -19.57 20.45 0.06
CA TYR A 165 -20.99 20.79 -0.10
C TYR A 165 -21.89 19.97 0.84
N PHE A 166 -21.61 18.67 0.94
CA PHE A 166 -22.46 17.74 1.71
C PHE A 166 -21.98 17.45 3.14
N GLN A 167 -20.71 17.75 3.45
CA GLN A 167 -20.09 17.40 4.73
C GLN A 167 -20.86 17.91 5.96
N GLY A 168 -20.72 17.16 7.05
CA GLY A 168 -21.16 17.62 8.35
C GLY A 168 -20.14 18.60 8.87
N HIS A 169 -20.54 19.36 9.88
CA HIS A 169 -19.66 20.34 10.49
C HIS A 169 -19.54 20.06 11.98
N HIS A 170 -18.37 20.37 12.53
CA HIS A 170 -18.03 20.06 13.93
C HIS A 170 -18.82 20.88 14.94
N HIS A 171 -19.13 22.13 14.58
CA HIS A 171 -19.80 23.04 15.49
C HIS A 171 -20.99 23.73 14.84
N HIS A 172 -22.03 23.94 15.63
CA HIS A 172 -23.26 24.60 15.19
C HIS A 172 -23.74 25.57 16.26
N HIS A 173 -24.09 26.80 15.87
CA HIS A 173 -24.56 27.78 16.86
C HIS A 173 -25.92 27.40 17.45
PA NDP B . 1.84 -6.66 -9.28
O1A NDP B . 0.77 -5.65 -9.14
O2A NDP B . 2.60 -6.93 -8.03
O5B NDP B . 1.32 -8.07 -9.85
C5B NDP B . 0.77 -8.10 -11.16
C4B NDP B . 0.15 -9.47 -11.31
O4B NDP B . -0.86 -9.64 -10.34
C3B NDP B . -0.49 -9.71 -12.66
O3B NDP B . 0.49 -10.07 -13.60
C2B NDP B . -1.49 -10.78 -12.29
O2B NDP B . -0.88 -12.03 -12.02
C1B NDP B . -1.95 -10.32 -10.92
N9A NDP B . -3.11 -9.43 -10.88
C8A NDP B . -3.13 -8.08 -10.59
N7A NDP B . -4.43 -7.66 -10.61
C5A NDP B . -5.22 -8.72 -10.90
C6A NDP B . -6.60 -8.84 -11.05
N6A NDP B . -7.39 -7.80 -10.89
N1A NDP B . -7.12 -10.08 -11.35
C2A NDP B . -6.30 -11.17 -11.49
N3A NDP B . -4.93 -11.04 -11.35
C4A NDP B . -4.40 -9.83 -11.06
O3 NDP B . 2.85 -6.33 -10.47
PN NDP B . 3.57 -4.97 -10.89
O1N NDP B . 2.58 -3.95 -11.29
O2N NDP B . 4.55 -5.45 -11.88
O5D NDP B . 4.33 -4.48 -9.55
C5D NDP B . 5.58 -4.99 -9.14
C4D NDP B . 6.58 -3.84 -8.94
O4D NDP B . 6.16 -3.02 -7.86
C3D NDP B . 7.96 -4.35 -8.57
O3D NDP B . 8.94 -3.54 -9.16
C2D NDP B . 8.04 -4.21 -7.06
O2D NDP B . 9.36 -4.08 -6.55
C1D NDP B . 7.19 -2.97 -6.87
N1N NDP B . 6.68 -2.91 -5.49
C2N NDP B . 7.00 -1.80 -4.78
C3N NDP B . 6.38 -1.47 -3.59
C7N NDP B . 6.79 -0.25 -2.86
O7N NDP B . 6.05 0.02 -1.72
N7N NDP B . 7.77 0.54 -3.29
C4N NDP B . 5.27 -2.38 -3.09
C5N NDP B . 4.98 -3.59 -3.91
C6N NDP B . 5.70 -3.79 -5.08
P2B NDP B . -0.66 -13.24 -13.07
O1X NDP B . 0.38 -12.72 -14.01
O2X NDP B . -0.11 -14.44 -12.33
O3X NDP B . -1.98 -13.56 -13.69
C1 TOP C . 7.18 -2.11 1.61
N2 TOP C . 7.14 -0.90 2.20
C3 TOP C . 6.01 -0.12 2.19
N4 TOP C . 6.02 1.08 2.83
N5 TOP C . 4.89 -0.53 1.55
C6 TOP C . 4.85 -1.72 0.90
N7 TOP C . 3.71 -2.06 0.28
C8 TOP C . 6.06 -2.59 0.92
C9 TOP C . 6.00 -3.95 0.22
C10 TOP C . 7.28 -4.77 0.16
C11 TOP C . 7.88 -5.32 1.30
C12 TOP C . 9.07 -6.07 1.21
O13 TOP C . 9.69 -6.64 2.30
C14 TOP C . 9.09 -6.48 3.59
C15 TOP C . 9.68 -6.29 -0.11
O16 TOP C . 10.85 -7.00 -0.25
C17 TOP C . 12.03 -6.25 0.05
C18 TOP C . 9.03 -5.67 -1.27
O19 TOP C . 9.58 -5.85 -2.50
C20 TOP C . 8.84 -5.47 -3.67
C21 TOP C . 7.86 -4.94 -1.10
#